data_7QXV
#
_entry.id   7QXV
#
_cell.length_a   62.028
_cell.length_b   69.613
_cell.length_c   73.766
_cell.angle_alpha   90.000
_cell.angle_beta   90.000
_cell.angle_gamma   90.000
#
_symmetry.space_group_name_H-M   'P 21 21 21'
#
loop_
_entity.id
_entity.type
_entity.pdbx_description
1 polymer 'Hemin transport protein'
2 non-polymer DI(HYDROXYETHYL)ETHER
3 water water
#
_entity_poly.entity_id   1
_entity_poly.type   'polypeptide(L)'
_entity_poly.pdbx_seq_one_letter_code
;MSKSIYEQYLQAKADNPGKYARDLATLMGISEAELTHSRVSHDAKRLKGDARALLAALEAVGEVKAITRNTYAVHEQMGR
YENQHLNGHAGLILNPRNLDLRLALNQWASAFTLTEETRHGVRHSIQFFDHQGDALHKVYVTEQTDMPAWEALLAQFITT
ENPELQLEPLSAPEVTEPTATDEAVDAEWRAMTDVHEFAQLLKRNNLTRQQAFRAVGNDLAYQVDNSSLTQLLNIAQQEQ
NEIMIFVGNRGCVQIFTGMIEKVTPHQDWINVFNQRFTLHLIETTIAESWITRKPTKDGFVTSLELFAADGTQIAQLYGQ
RTEGQPEQTQWREQIARLNNKDIAA
;
_entity_poly.pdbx_strand_id   A
#
# COMPACT_ATOMS: atom_id res chain seq x y z
N LYS A 3 2.48 26.67 21.64
CA LYS A 3 3.98 26.71 21.77
C LYS A 3 4.58 25.34 21.44
N SER A 4 4.44 24.32 22.30
CA SER A 4 4.96 22.95 22.11
C SER A 4 4.30 22.31 20.87
N ILE A 5 5.01 21.38 20.20
CA ILE A 5 4.49 20.69 18.98
C ILE A 5 3.16 19.97 19.33
N TYR A 6 3.11 19.31 20.49
CA TYR A 6 1.88 18.63 21.01
C TYR A 6 0.72 19.63 21.07
N GLU A 7 0.97 20.81 21.64
CA GLU A 7 -0.04 21.89 21.85
C GLU A 7 -0.53 22.38 20.48
N GLN A 8 0.39 22.53 19.54
CA GLN A 8 0.03 22.82 18.13
C GLN A 8 -0.88 21.71 17.59
N TYR A 9 -0.55 20.47 17.91
CA TYR A 9 -1.33 19.28 17.47
C TYR A 9 -2.74 19.39 18.01
N LEU A 10 -2.87 19.65 19.31
CA LEU A 10 -4.19 19.79 19.98
C LEU A 10 -5.00 20.88 19.30
N GLN A 11 -4.34 22.00 18.99
CA GLN A 11 -5.00 23.15 18.31
C GLN A 11 -5.49 22.71 16.93
N ALA A 12 -4.61 22.12 16.12
CA ALA A 12 -4.93 21.66 14.75
C ALA A 12 -6.10 20.67 14.79
N LYS A 13 -6.11 19.76 15.79
CA LYS A 13 -7.16 18.73 15.93
C LYS A 13 -8.49 19.44 16.21
N ALA A 14 -8.50 20.34 17.20
CA ALA A 14 -9.68 21.18 17.52
C ALA A 14 -10.15 21.90 16.25
N ASP A 15 -9.26 22.60 15.54
CA ASP A 15 -9.61 23.48 14.38
C ASP A 15 -9.97 22.64 13.14
N ASN A 16 -9.57 21.37 13.09
CA ASN A 16 -9.86 20.43 11.97
C ASN A 16 -10.35 19.11 12.54
N PRO A 17 -11.63 19.04 12.99
CA PRO A 17 -12.19 17.83 13.59
C PRO A 17 -12.36 16.66 12.61
N GLY A 18 -12.30 16.92 11.30
CA GLY A 18 -12.49 15.90 10.25
C GLY A 18 -11.18 15.31 9.74
N LYS A 19 -10.04 15.66 10.34
CA LYS A 19 -8.69 15.37 9.76
C LYS A 19 -7.96 14.32 10.58
N TYR A 20 -7.35 13.35 9.88
CA TYR A 20 -6.54 12.25 10.45
C TYR A 20 -5.12 12.73 10.73
N ALA A 21 -4.42 11.96 11.56
CA ALA A 21 -3.05 12.28 12.03
C ALA A 21 -2.23 12.76 10.85
N ARG A 22 -2.28 12.02 9.74
CA ARG A 22 -1.45 12.30 8.53
C ARG A 22 -1.72 13.74 8.07
N ASP A 23 -2.99 14.13 7.88
CA ASP A 23 -3.33 15.47 7.32
C ASP A 23 -3.07 16.57 8.35
N LEU A 24 -3.22 16.27 9.65
CA LEU A 24 -2.86 17.22 10.73
C LEU A 24 -1.35 17.53 10.73
N ALA A 25 -0.50 16.54 10.44
CA ALA A 25 0.97 16.67 10.30
C ALA A 25 1.30 17.65 9.15
N THR A 26 0.66 17.49 8.00
CA THR A 26 0.84 18.35 6.81
C THR A 26 0.56 19.81 7.19
N LEU A 27 -0.67 20.12 7.59
CA LEU A 27 -1.06 21.45 8.12
C LEU A 27 0.03 22.00 9.06
N MET A 28 0.50 21.16 9.98
CA MET A 28 1.51 21.55 11.00
C MET A 28 2.90 21.69 10.38
N GLY A 29 3.11 21.20 9.15
CA GLY A 29 4.41 21.23 8.43
C GLY A 29 5.44 20.28 9.04
N ILE A 30 5.00 19.12 9.55
CA ILE A 30 5.93 18.06 10.05
C ILE A 30 5.52 16.70 9.44
N SER A 31 6.37 15.69 9.63
CA SER A 31 6.04 14.30 9.25
C SER A 31 5.07 13.73 10.29
N GLU A 32 4.33 12.68 9.91
CA GLU A 32 3.44 11.94 10.83
C GLU A 32 4.28 11.36 11.98
N ALA A 33 5.49 10.88 11.67
CA ALA A 33 6.44 10.34 12.66
C ALA A 33 6.71 11.38 13.75
N GLU A 34 6.97 12.63 13.40
CA GLU A 34 7.35 13.72 14.36
C GLU A 34 6.14 14.10 15.22
N LEU A 35 4.96 14.16 14.61
CA LEU A 35 3.69 14.30 15.34
C LEU A 35 3.57 13.20 16.39
N THR A 36 3.75 11.96 16.01
CA THR A 36 3.66 10.82 16.96
C THR A 36 4.70 11.01 18.08
N HIS A 37 5.90 11.45 17.75
CA HIS A 37 7.01 11.65 18.71
C HIS A 37 6.54 12.62 19.80
N SER A 38 5.78 13.67 19.42
CA SER A 38 5.26 14.72 20.33
C SER A 38 4.14 14.15 21.21
N ARG A 39 3.49 13.08 20.76
CA ARG A 39 2.37 12.45 21.52
C ARG A 39 2.94 11.46 22.52
N VAL A 40 4.26 11.26 22.53
CA VAL A 40 4.86 10.40 23.58
C VAL A 40 4.75 11.10 24.95
N SER A 41 4.35 10.34 25.98
CA SER A 41 4.03 10.82 27.35
C SER A 41 2.54 11.21 27.43
N HIS A 42 1.82 11.27 26.30
CA HIS A 42 0.38 11.66 26.27
C HIS A 42 -0.47 10.42 25.94
N ASP A 43 -0.49 9.96 24.69
CA ASP A 43 -1.24 8.74 24.28
C ASP A 43 -0.36 7.79 23.46
N ALA A 44 0.97 7.98 23.42
CA ALA A 44 1.91 7.18 22.60
C ALA A 44 3.14 6.81 23.43
N LYS A 45 3.87 5.77 23.01
CA LYS A 45 5.19 5.36 23.58
C LYS A 45 6.14 5.01 22.42
N ARG A 46 7.42 5.32 22.55
CA ARG A 46 8.47 4.87 21.64
C ARG A 46 8.65 3.36 21.84
N LEU A 47 8.95 2.63 20.77
CA LEU A 47 9.28 1.17 20.80
C LEU A 47 10.73 1.00 20.35
N LYS A 48 11.48 0.12 21.01
CA LYS A 48 12.86 -0.37 20.69
C LYS A 48 12.96 -0.76 19.22
N GLY A 49 13.96 -0.21 18.51
CA GLY A 49 14.12 -0.24 17.03
C GLY A 49 14.21 -1.66 16.48
N ASP A 50 14.49 -1.77 15.17
CA ASP A 50 14.50 -3.04 14.40
C ASP A 50 13.03 -3.41 14.11
N ALA A 51 12.48 -2.94 12.99
CA ALA A 51 11.14 -3.35 12.50
C ALA A 51 11.09 -4.86 12.30
N ARG A 52 12.21 -5.50 11.95
CA ARG A 52 12.27 -6.98 11.76
C ARG A 52 11.87 -7.68 13.08
N ALA A 53 12.39 -7.22 14.21
CA ALA A 53 12.10 -7.76 15.57
C ALA A 53 10.62 -7.55 15.92
N LEU A 54 10.07 -6.37 15.62
CA LEU A 54 8.65 -6.06 15.95
C LEU A 54 7.72 -6.91 15.08
N LEU A 55 8.06 -7.01 13.79
CA LEU A 55 7.25 -7.79 12.82
C LEU A 55 7.26 -9.26 13.24
N ALA A 56 8.44 -9.81 13.52
CA ALA A 56 8.61 -11.21 13.99
C ALA A 56 7.72 -11.42 15.23
N ALA A 57 7.79 -10.49 16.20
CA ALA A 57 7.10 -10.57 17.49
C ALA A 57 5.60 -10.52 17.25
N LEU A 58 5.14 -9.75 16.28
CA LEU A 58 3.68 -9.64 15.99
C LEU A 58 3.07 -11.01 15.64
N GLU A 59 3.87 -12.04 15.38
CA GLU A 59 3.31 -13.37 15.07
C GLU A 59 2.53 -13.91 16.27
N ALA A 60 2.93 -13.53 17.48
CA ALA A 60 2.36 -14.04 18.76
C ALA A 60 0.94 -13.52 19.00
N VAL A 61 0.50 -12.45 18.33
CA VAL A 61 -0.71 -11.69 18.75
C VAL A 61 -1.95 -12.12 17.96
N GLY A 62 -1.81 -12.98 16.95
CA GLY A 62 -2.96 -13.48 16.19
C GLY A 62 -3.60 -12.39 15.34
N GLU A 63 -4.91 -12.45 15.14
CA GLU A 63 -5.61 -11.62 14.13
C GLU A 63 -5.52 -10.15 14.50
N VAL A 64 -5.15 -9.29 13.56
CA VAL A 64 -5.14 -7.80 13.74
C VAL A 64 -5.60 -7.16 12.44
N LYS A 65 -5.75 -5.84 12.44
CA LYS A 65 -5.99 -5.06 11.21
C LYS A 65 -4.67 -4.37 10.84
N ALA A 66 -4.20 -4.63 9.62
CA ALA A 66 -3.00 -4.05 9.00
C ALA A 66 -3.45 -2.92 8.08
N ILE A 67 -2.83 -1.75 8.18
CA ILE A 67 -3.15 -0.59 7.29
C ILE A 67 -1.89 -0.06 6.62
N THR A 68 -1.90 -0.08 5.29
CA THR A 68 -0.83 0.45 4.42
C THR A 68 -1.49 1.50 3.54
N ARG A 69 -0.80 2.62 3.29
CA ARG A 69 -1.38 3.65 2.38
C ARG A 69 -0.29 4.43 1.65
N ASN A 70 -0.73 5.15 0.64
CA ASN A 70 0.04 6.25 0.04
C ASN A 70 -0.86 7.47 0.08
N THR A 71 -0.47 8.57 -0.53
CA THR A 71 -1.28 9.80 -0.53
C THR A 71 -2.68 9.50 -1.08
N TYR A 72 -2.82 8.58 -2.04
CA TYR A 72 -4.03 8.51 -2.89
C TYR A 72 -4.90 7.30 -2.49
N ALA A 73 -4.34 6.34 -1.75
CA ALA A 73 -4.99 5.03 -1.53
C ALA A 73 -4.65 4.46 -0.16
N VAL A 74 -5.69 4.00 0.54
CA VAL A 74 -5.62 3.37 1.89
C VAL A 74 -6.12 1.92 1.76
N HIS A 75 -5.29 0.99 2.23
CA HIS A 75 -5.55 -0.48 2.19
C HIS A 75 -5.59 -1.01 3.63
N GLU A 76 -6.73 -1.56 4.06
CA GLU A 76 -6.92 -2.08 5.44
C GLU A 76 -7.33 -3.56 5.35
N GLN A 77 -6.56 -4.43 6.00
CA GLN A 77 -6.71 -5.89 5.80
C GLN A 77 -6.57 -6.59 7.15
N MET A 78 -7.58 -7.38 7.50
CA MET A 78 -7.56 -8.32 8.64
C MET A 78 -6.59 -9.47 8.35
N GLY A 79 -5.80 -9.90 9.33
CA GLY A 79 -5.02 -11.14 9.19
C GLY A 79 -3.91 -11.25 10.21
N ARG A 80 -2.90 -12.07 9.95
CA ARG A 80 -1.92 -12.48 10.98
C ARG A 80 -0.52 -12.35 10.40
N TYR A 81 0.47 -12.01 11.22
CA TYR A 81 1.89 -11.87 10.79
C TYR A 81 2.57 -13.25 10.83
N GLU A 82 2.15 -14.14 9.94
CA GLU A 82 2.76 -15.49 9.82
C GLU A 82 3.29 -15.71 8.40
N ASN A 83 4.10 -16.75 8.22
CA ASN A 83 4.76 -17.08 6.93
C ASN A 83 5.64 -15.88 6.57
N GLN A 84 6.50 -15.53 7.51
CA GLN A 84 7.40 -14.38 7.45
C GLN A 84 8.66 -14.85 6.75
N HIS A 85 9.18 -14.06 5.81
CA HIS A 85 10.56 -14.19 5.29
C HIS A 85 11.16 -12.79 5.19
N LEU A 86 11.88 -12.38 6.22
CA LEU A 86 12.35 -10.99 6.40
C LEU A 86 13.84 -10.88 6.03
N ASN A 87 14.17 -9.93 5.15
CA ASN A 87 15.52 -9.51 4.73
C ASN A 87 15.46 -8.01 4.38
N GLY A 88 16.61 -7.34 4.29
CA GLY A 88 16.70 -5.87 4.24
C GLY A 88 16.07 -5.24 3.00
N HIS A 89 16.33 -5.82 1.82
CA HIS A 89 15.98 -5.23 0.49
C HIS A 89 14.59 -5.72 0.04
N ALA A 90 14.25 -6.95 0.41
CA ALA A 90 13.01 -7.65 -0.01
C ALA A 90 12.72 -8.71 1.03
N GLY A 91 11.55 -8.63 1.63
CA GLY A 91 11.04 -9.61 2.62
C GLY A 91 9.57 -9.81 2.41
N LEU A 92 8.97 -10.84 2.99
CA LEU A 92 7.52 -10.99 2.75
C LEU A 92 6.85 -11.50 4.00
N ILE A 93 5.58 -11.14 4.10
CA ILE A 93 4.58 -11.79 4.97
C ILE A 93 3.60 -12.43 3.99
N LEU A 94 3.72 -13.73 3.77
CA LEU A 94 3.04 -14.41 2.63
C LEU A 94 1.80 -15.17 3.12
N ASN A 95 0.62 -14.56 3.06
CA ASN A 95 -0.67 -15.18 3.47
C ASN A 95 -1.72 -14.73 2.47
N PRO A 96 -1.71 -15.35 1.27
CA PRO A 96 -2.71 -15.07 0.24
C PRO A 96 -4.15 -15.11 0.77
N ARG A 97 -4.94 -14.09 0.39
CA ARG A 97 -6.34 -13.82 0.77
C ARG A 97 -6.44 -13.29 2.21
N ASN A 98 -5.32 -13.23 2.96
CA ASN A 98 -5.27 -12.62 4.31
C ASN A 98 -4.19 -11.52 4.30
N LEU A 99 -3.22 -11.55 5.22
CA LEU A 99 -2.19 -10.50 5.31
C LEU A 99 -1.01 -10.87 4.41
N ASP A 100 -0.90 -10.16 3.30
CA ASP A 100 0.07 -10.45 2.21
C ASP A 100 0.87 -9.16 2.01
N LEU A 101 2.10 -9.10 2.51
CA LEU A 101 2.93 -7.88 2.44
C LEU A 101 4.25 -8.17 1.74
N ARG A 102 4.69 -7.22 0.92
CA ARG A 102 6.09 -7.13 0.41
C ARG A 102 6.71 -5.89 1.05
N LEU A 103 7.89 -6.04 1.65
CA LEU A 103 8.51 -5.04 2.53
C LEU A 103 9.97 -4.83 2.10
N ALA A 104 10.38 -3.57 2.12
CA ALA A 104 11.80 -3.12 2.04
C ALA A 104 12.15 -2.53 3.41
N LEU A 105 12.62 -3.37 4.32
CA LEU A 105 12.81 -3.03 5.76
C LEU A 105 13.90 -1.99 5.94
N ASN A 106 14.78 -1.83 4.94
N ASN A 106 14.79 -1.84 4.95
CA ASN A 106 15.84 -0.79 4.92
CA ASN A 106 15.85 -0.80 4.96
C ASN A 106 15.18 0.59 4.99
C ASN A 106 15.19 0.59 5.00
N GLN A 107 13.91 0.69 4.62
CA GLN A 107 13.14 1.97 4.62
C GLN A 107 12.48 2.22 5.97
N TRP A 108 12.40 1.21 6.85
CA TRP A 108 11.65 1.27 8.14
C TRP A 108 12.59 1.84 9.20
N ALA A 109 12.26 2.98 9.84
CA ALA A 109 13.18 3.75 10.71
C ALA A 109 12.71 3.78 12.17
N SER A 110 11.43 4.05 12.44
CA SER A 110 10.92 4.24 13.82
C SER A 110 9.60 3.50 13.98
N ALA A 111 9.20 3.31 15.24
CA ALA A 111 8.00 2.54 15.65
C ALA A 111 7.48 3.14 16.95
N PHE A 112 6.16 3.30 17.05
CA PHE A 112 5.46 3.82 18.24
C PHE A 112 4.26 2.92 18.52
N THR A 113 3.77 2.90 19.76
CA THR A 113 2.46 2.33 20.13
C THR A 113 1.52 3.45 20.60
N LEU A 114 0.27 3.40 20.15
CA LEU A 114 -0.77 4.42 20.46
C LEU A 114 -1.90 3.71 21.21
N THR A 115 -2.34 4.33 22.29
CA THR A 115 -3.61 4.00 22.97
C THR A 115 -4.42 5.29 22.99
N GLU A 116 -5.49 5.36 22.21
CA GLU A 116 -6.33 6.57 22.03
C GLU A 116 -7.78 6.20 22.27
N GLU A 117 -8.45 6.80 23.25
CA GLU A 117 -9.92 6.68 23.45
C GLU A 117 -10.56 7.50 22.32
N THR A 118 -11.62 6.97 21.69
CA THR A 118 -12.40 7.63 20.62
C THR A 118 -13.89 7.41 20.93
N ARG A 119 -14.76 8.12 20.21
CA ARG A 119 -16.24 7.97 20.30
C ARG A 119 -16.57 6.47 20.16
N HIS A 120 -16.07 5.85 19.09
CA HIS A 120 -16.28 4.41 18.74
C HIS A 120 -15.75 3.52 19.87
N GLY A 121 -14.64 3.91 20.52
CA GLY A 121 -14.05 3.26 21.71
C GLY A 121 -12.54 3.41 21.71
N VAL A 122 -11.85 2.87 22.73
CA VAL A 122 -10.36 2.83 22.80
C VAL A 122 -9.82 2.09 21.56
N ARG A 123 -8.85 2.70 20.86
CA ARG A 123 -8.07 2.11 19.73
C ARG A 123 -6.63 1.91 20.21
N HIS A 124 -6.08 0.70 20.02
CA HIS A 124 -4.66 0.37 20.32
C HIS A 124 -3.97 0.04 19.00
N SER A 125 -2.78 0.58 18.74
CA SER A 125 -2.10 0.38 17.44
C SER A 125 -0.59 0.42 17.62
N ILE A 126 0.12 -0.25 16.71
CA ILE A 126 1.58 -0.09 16.47
C ILE A 126 1.72 0.57 15.09
N GLN A 127 2.60 1.56 15.00
CA GLN A 127 2.76 2.44 13.82
C GLN A 127 4.25 2.54 13.50
N PHE A 128 4.58 2.24 12.24
CA PHE A 128 5.95 2.21 11.69
C PHE A 128 6.08 3.37 10.73
N PHE A 129 7.23 4.06 10.78
CA PHE A 129 7.53 5.27 9.97
C PHE A 129 8.86 5.08 9.25
N ASP A 130 9.02 5.75 8.11
CA ASP A 130 10.23 5.60 7.28
C ASP A 130 11.22 6.70 7.65
N HIS A 131 12.36 6.79 6.97
CA HIS A 131 13.39 7.79 7.35
C HIS A 131 12.93 9.19 6.97
N GLN A 132 11.85 9.36 6.19
CA GLN A 132 11.24 10.69 5.92
C GLN A 132 10.16 10.98 6.95
N GLY A 133 9.91 10.04 7.86
CA GLY A 133 8.87 10.18 8.89
C GLY A 133 7.47 9.94 8.35
N ASP A 134 7.31 9.36 7.14
CA ASP A 134 5.98 9.01 6.59
C ASP A 134 5.56 7.62 7.11
N ALA A 135 4.26 7.41 7.25
CA ALA A 135 3.67 6.13 7.68
C ALA A 135 4.04 5.08 6.63
N LEU A 136 4.51 3.93 7.11
CA LEU A 136 4.77 2.71 6.30
C LEU A 136 3.61 1.73 6.50
N HIS A 137 3.25 1.51 7.74
CA HIS A 137 2.42 0.36 8.16
C HIS A 137 1.85 0.68 9.53
N LYS A 138 0.58 0.38 9.74
CA LYS A 138 -0.05 0.45 11.08
C LYS A 138 -0.72 -0.90 11.37
N VAL A 139 -0.68 -1.31 12.62
CA VAL A 139 -1.35 -2.56 13.13
C VAL A 139 -2.31 -2.13 14.25
N TYR A 140 -3.61 -2.37 14.07
CA TYR A 140 -4.66 -2.06 15.08
C TYR A 140 -5.11 -3.34 15.76
N VAL A 141 -5.32 -3.28 17.08
CA VAL A 141 -5.93 -4.40 17.86
C VAL A 141 -7.38 -4.55 17.36
N THR A 142 -7.87 -5.77 17.26
CA THR A 142 -9.27 -6.10 16.89
C THR A 142 -9.85 -7.05 17.95
N GLU A 143 -11.11 -7.40 17.80
CA GLU A 143 -11.85 -8.34 18.67
C GLU A 143 -11.05 -9.63 18.88
N GLN A 144 -10.42 -10.20 17.84
CA GLN A 144 -9.78 -11.55 17.96
C GLN A 144 -8.33 -11.40 18.39
N THR A 145 -7.80 -10.20 18.56
CA THR A 145 -6.36 -10.07 18.88
C THR A 145 -6.12 -10.75 20.23
N ASP A 146 -5.04 -11.53 20.35
CA ASP A 146 -4.61 -12.16 21.63
C ASP A 146 -4.02 -11.07 22.52
N MET A 147 -4.84 -10.54 23.43
CA MET A 147 -4.49 -9.36 24.26
C MET A 147 -3.32 -9.70 25.20
N PRO A 148 -3.28 -10.88 25.86
CA PRO A 148 -2.09 -11.24 26.65
C PRO A 148 -0.80 -11.07 25.84
N ALA A 149 -0.76 -11.61 24.63
CA ALA A 149 0.44 -11.55 23.76
C ALA A 149 0.77 -10.11 23.37
N TRP A 150 -0.25 -9.32 23.01
CA TRP A 150 -0.11 -7.89 22.66
C TRP A 150 0.49 -7.12 23.84
N GLU A 151 -0.06 -7.31 25.06
CA GLU A 151 0.44 -6.62 26.27
C GLU A 151 1.88 -7.05 26.53
N ALA A 152 2.21 -8.33 26.40
CA ALA A 152 3.58 -8.84 26.63
C ALA A 152 4.56 -8.28 25.57
N LEU A 153 4.11 -8.14 24.33
CA LEU A 153 4.87 -7.47 23.25
C LEU A 153 5.20 -6.02 23.65
N LEU A 154 4.18 -5.24 23.97
CA LEU A 154 4.38 -3.82 24.34
C LEU A 154 5.29 -3.75 25.57
N ALA A 155 5.11 -4.64 26.53
CA ALA A 155 5.95 -4.70 27.76
C ALA A 155 7.41 -4.99 27.39
N GLN A 156 7.65 -5.71 26.30
CA GLN A 156 9.00 -6.10 25.83
C GLN A 156 9.64 -4.95 25.04
N PHE A 157 8.85 -4.23 24.25
CA PHE A 157 9.37 -3.32 23.20
C PHE A 157 9.29 -1.85 23.63
N ILE A 158 8.43 -1.48 24.58
CA ILE A 158 8.33 -0.06 25.04
C ILE A 158 9.67 0.32 25.66
N THR A 159 10.12 1.54 25.35
CA THR A 159 11.33 2.17 25.90
C THR A 159 10.95 3.56 26.40
N THR A 160 11.62 3.99 27.47
CA THR A 160 11.53 5.34 28.09
C THR A 160 12.24 6.36 27.21
N GLU A 161 13.35 5.98 26.57
CA GLU A 161 14.16 6.86 25.68
C GLU A 161 13.40 7.14 24.38
N ASN A 162 13.00 8.40 24.18
CA ASN A 162 12.35 8.86 22.94
C ASN A 162 13.24 9.88 22.25
N PRO A 163 14.44 9.50 21.75
CA PRO A 163 15.34 10.45 21.09
C PRO A 163 14.67 11.07 19.84
N GLU A 164 15.15 12.24 19.45
CA GLU A 164 14.65 13.00 18.28
C GLU A 164 14.80 12.13 17.04
N LEU A 165 13.81 12.14 16.15
CA LEU A 165 13.85 11.31 14.92
C LEU A 165 14.97 11.82 14.03
N GLN A 166 15.83 10.94 13.54
CA GLN A 166 16.89 11.28 12.56
C GLN A 166 16.27 11.24 11.17
N LEU A 167 15.72 12.36 10.73
CA LEU A 167 15.03 12.44 9.41
C LEU A 167 16.08 12.57 8.31
N GLU A 168 15.86 11.88 7.19
CA GLU A 168 16.79 11.84 6.06
C GLU A 168 16.12 12.55 4.90
N PRO A 169 16.92 13.31 4.13
CA PRO A 169 16.40 14.03 2.98
C PRO A 169 15.88 13.00 1.97
N LEU A 170 15.02 13.44 1.06
CA LEU A 170 14.39 12.58 0.03
C LEU A 170 15.47 11.93 -0.84
N SER A 171 15.31 10.64 -1.16
CA SER A 171 16.19 9.86 -2.07
C SER A 171 15.32 9.16 -3.13
N ALA A 172 14.42 9.93 -3.76
CA ALA A 172 13.53 9.52 -4.88
C ALA A 172 14.37 9.00 -6.05
N PRO A 173 13.78 8.34 -7.07
CA PRO A 173 14.55 7.86 -8.22
C PRO A 173 15.32 9.01 -8.87
N GLU A 174 14.59 10.03 -9.35
CA GLU A 174 15.13 11.26 -9.99
C GLU A 174 16.35 10.87 -10.85
N VAL A 175 16.09 10.18 -11.97
CA VAL A 175 17.12 9.64 -12.91
C VAL A 175 16.74 10.00 -14.36
N THR A 176 15.46 9.79 -14.76
CA THR A 176 14.94 9.90 -16.15
C THR A 176 15.92 9.15 -17.09
N GLU A 177 16.41 9.82 -18.15
CA GLU A 177 17.53 9.33 -19.00
C GLU A 177 17.20 7.97 -19.59
N PRO A 178 16.08 7.79 -20.35
CA PRO A 178 15.77 6.49 -20.95
C PRO A 178 16.91 6.09 -21.92
N THR A 179 17.55 4.95 -21.67
CA THR A 179 18.81 4.53 -22.37
C THR A 179 18.43 3.81 -23.68
N ALA A 180 17.77 2.65 -23.59
CA ALA A 180 17.40 1.76 -24.73
C ALA A 180 16.29 2.39 -25.58
N THR A 181 16.00 1.77 -26.72
CA THR A 181 15.03 2.28 -27.73
C THR A 181 13.66 1.67 -27.46
N ASP A 182 12.60 2.28 -27.99
CA ASP A 182 11.22 1.80 -27.83
C ASP A 182 11.12 0.33 -28.27
N GLU A 183 11.61 0.04 -29.48
CA GLU A 183 11.42 -1.28 -30.12
C GLU A 183 12.17 -2.33 -29.30
N ALA A 184 13.29 -1.95 -28.67
CA ALA A 184 14.11 -2.83 -27.80
C ALA A 184 13.37 -3.12 -26.50
N VAL A 185 12.62 -2.14 -25.97
CA VAL A 185 11.85 -2.27 -24.71
C VAL A 185 10.69 -3.23 -24.97
N ASP A 186 9.96 -2.99 -26.06
CA ASP A 186 8.87 -3.83 -26.59
C ASP A 186 9.36 -5.28 -26.76
N ALA A 187 10.54 -5.47 -27.35
CA ALA A 187 11.17 -6.79 -27.50
C ALA A 187 11.42 -7.41 -26.12
N GLU A 188 12.04 -6.68 -25.20
CA GLU A 188 12.41 -7.22 -23.85
C GLU A 188 11.16 -7.63 -23.07
N TRP A 189 10.08 -6.84 -23.20
CA TRP A 189 8.76 -7.07 -22.57
C TRP A 189 8.14 -8.36 -23.13
N ARG A 190 8.19 -8.56 -24.45
CA ARG A 190 7.55 -9.74 -25.10
C ARG A 190 8.33 -11.01 -24.75
N ALA A 191 9.59 -10.89 -24.31
CA ALA A 191 10.51 -12.00 -23.95
C ALA A 191 10.40 -12.36 -22.46
N MET A 192 9.65 -11.60 -21.67
CA MET A 192 9.50 -11.89 -20.23
C MET A 192 8.75 -13.22 -20.06
N THR A 193 9.18 -14.02 -19.08
CA THR A 193 8.54 -15.31 -18.70
C THR A 193 7.84 -15.22 -17.33
N ASP A 194 8.11 -14.18 -16.53
CA ASP A 194 7.53 -13.94 -15.17
C ASP A 194 7.34 -12.43 -14.94
N VAL A 195 6.25 -12.03 -14.27
CA VAL A 195 5.88 -10.60 -14.02
C VAL A 195 6.99 -9.88 -13.23
N HIS A 196 7.75 -10.59 -12.38
CA HIS A 196 8.85 -10.01 -11.57
C HIS A 196 10.01 -9.47 -12.42
N GLU A 197 10.17 -9.95 -13.67
CA GLU A 197 11.23 -9.51 -14.61
C GLU A 197 10.96 -8.05 -15.02
N PHE A 198 9.69 -7.62 -15.02
CA PHE A 198 9.29 -6.25 -15.45
C PHE A 198 10.04 -5.21 -14.59
N ALA A 199 10.23 -5.48 -13.31
CA ALA A 199 10.98 -4.58 -12.40
C ALA A 199 12.40 -4.42 -12.94
N GLN A 200 13.04 -5.54 -13.28
CA GLN A 200 14.44 -5.58 -13.75
C GLN A 200 14.52 -4.87 -15.11
N LEU A 201 13.45 -4.91 -15.90
CA LEU A 201 13.38 -4.27 -17.25
C LEU A 201 13.50 -2.77 -17.08
N LEU A 202 12.70 -2.20 -16.15
CA LEU A 202 12.66 -0.74 -15.88
C LEU A 202 14.04 -0.29 -15.38
N LYS A 203 14.64 -1.06 -14.46
CA LYS A 203 15.97 -0.78 -13.89
C LYS A 203 17.02 -0.83 -15.01
N ARG A 204 17.06 -1.91 -15.78
CA ARG A 204 18.06 -2.14 -16.85
C ARG A 204 18.01 -0.98 -17.86
N ASN A 205 16.82 -0.56 -18.26
CA ASN A 205 16.61 0.45 -19.34
C ASN A 205 16.40 1.86 -18.76
N ASN A 206 16.66 2.07 -17.46
CA ASN A 206 16.49 3.37 -16.75
C ASN A 206 15.15 3.98 -17.22
N LEU A 207 14.05 3.22 -17.07
CA LEU A 207 12.68 3.66 -17.42
C LEU A 207 11.79 3.76 -16.17
N THR A 208 10.89 4.73 -16.16
CA THR A 208 9.70 4.77 -15.27
C THR A 208 8.64 3.86 -15.89
N ARG A 209 7.64 3.42 -15.11
CA ARG A 209 6.58 2.52 -15.62
C ARG A 209 5.86 3.21 -16.78
N GLN A 210 5.59 4.51 -16.67
CA GLN A 210 4.73 5.23 -17.64
C GLN A 210 5.53 5.47 -18.93
N GLN A 211 6.86 5.57 -18.83
CA GLN A 211 7.74 5.66 -20.02
C GLN A 211 7.74 4.28 -20.71
N ALA A 212 7.97 3.21 -19.96
CA ALA A 212 7.88 1.83 -20.49
C ALA A 212 6.52 1.64 -21.18
N PHE A 213 5.42 2.05 -20.54
CA PHE A 213 4.04 1.88 -21.05
C PHE A 213 3.85 2.61 -22.39
N ARG A 214 4.49 3.76 -22.57
CA ARG A 214 4.39 4.56 -23.83
C ARG A 214 5.32 3.99 -24.91
N ALA A 215 6.45 3.41 -24.52
CA ALA A 215 7.47 2.82 -25.41
C ALA A 215 6.89 1.65 -26.20
N VAL A 216 6.05 0.83 -25.58
CA VAL A 216 5.64 -0.51 -26.09
C VAL A 216 4.40 -0.37 -26.99
N GLY A 217 4.09 -1.46 -27.70
CA GLY A 217 2.95 -1.52 -28.62
C GLY A 217 1.66 -1.51 -27.83
N ASN A 218 0.62 -0.89 -28.42
CA ASN A 218 -0.74 -0.75 -27.83
C ASN A 218 -1.38 -2.12 -27.48
N ASP A 219 -0.84 -3.23 -27.95
CA ASP A 219 -1.29 -4.59 -27.55
C ASP A 219 -0.77 -4.92 -26.13
N LEU A 220 0.34 -4.31 -25.71
CA LEU A 220 1.00 -4.60 -24.41
C LEU A 220 0.56 -3.59 -23.34
N ALA A 221 0.18 -2.38 -23.75
CA ALA A 221 -0.13 -1.25 -22.85
C ALA A 221 -0.94 -0.24 -23.63
N TYR A 222 -2.11 0.13 -23.11
CA TYR A 222 -2.99 1.18 -23.64
C TYR A 222 -3.74 1.85 -22.49
N GLN A 223 -4.13 3.11 -22.70
CA GLN A 223 -4.85 3.92 -21.70
C GLN A 223 -6.35 3.64 -21.85
N VAL A 224 -7.09 3.82 -20.76
CA VAL A 224 -8.57 3.72 -20.65
C VAL A 224 -9.04 4.89 -19.77
N ASP A 225 -10.33 5.20 -19.76
CA ASP A 225 -10.89 6.34 -18.98
C ASP A 225 -10.42 6.19 -17.53
N ASN A 226 -10.40 7.30 -16.79
CA ASN A 226 -9.97 7.32 -15.36
C ASN A 226 -11.16 6.85 -14.50
N SER A 227 -12.38 6.82 -15.05
CA SER A 227 -13.56 6.22 -14.38
C SER A 227 -13.50 4.69 -14.44
N SER A 228 -12.47 4.11 -15.08
CA SER A 228 -12.33 2.65 -15.30
C SER A 228 -12.25 1.89 -13.98
N LEU A 229 -11.50 2.38 -12.98
CA LEU A 229 -11.42 1.67 -11.67
C LEU A 229 -12.82 1.40 -11.12
N THR A 230 -13.70 2.39 -11.13
CA THR A 230 -15.05 2.26 -10.50
C THR A 230 -15.88 1.23 -11.29
N GLN A 231 -15.77 1.24 -12.62
CA GLN A 231 -16.47 0.27 -13.49
C GLN A 231 -16.05 -1.15 -13.11
N LEU A 232 -14.76 -1.44 -13.15
CA LEU A 232 -14.21 -2.76 -12.76
CA LEU A 232 -14.21 -2.76 -12.76
C LEU A 232 -14.74 -3.17 -11.39
N LEU A 233 -14.65 -2.27 -10.42
CA LEU A 233 -15.01 -2.63 -9.03
C LEU A 233 -16.46 -3.12 -9.00
N ASN A 234 -17.38 -2.36 -9.62
CA ASN A 234 -18.84 -2.67 -9.71
C ASN A 234 -19.09 -3.99 -10.47
N ILE A 235 -18.33 -4.24 -11.55
CA ILE A 235 -18.47 -5.48 -12.37
C ILE A 235 -18.03 -6.66 -11.51
N ALA A 236 -16.88 -6.56 -10.84
CA ALA A 236 -16.38 -7.64 -9.96
C ALA A 236 -17.39 -7.88 -8.84
N GLN A 237 -17.97 -6.80 -8.33
CA GLN A 237 -18.94 -6.87 -7.21
C GLN A 237 -20.18 -7.63 -7.69
N GLN A 238 -20.61 -7.41 -8.94
CA GLN A 238 -21.82 -8.07 -9.51
C GLN A 238 -21.51 -9.53 -9.83
N GLU A 239 -20.29 -9.87 -10.24
CA GLU A 239 -19.94 -11.21 -10.78
C GLU A 239 -19.31 -12.07 -9.68
N GLN A 240 -18.81 -11.46 -8.60
CA GLN A 240 -18.24 -12.17 -7.42
C GLN A 240 -17.04 -13.05 -7.83
N ASN A 241 -16.24 -12.64 -8.80
CA ASN A 241 -14.95 -13.33 -9.12
C ASN A 241 -13.85 -12.74 -8.25
N GLU A 242 -12.78 -13.51 -8.02
CA GLU A 242 -11.61 -13.11 -7.18
C GLU A 242 -10.62 -12.29 -7.99
N ILE A 243 -10.34 -11.09 -7.49
CA ILE A 243 -9.34 -10.13 -8.03
C ILE A 243 -8.27 -9.84 -6.95
N MET A 244 -7.21 -9.14 -7.35
CA MET A 244 -6.10 -8.68 -6.48
C MET A 244 -6.02 -7.16 -6.50
N ILE A 245 -5.86 -6.54 -5.33
CA ILE A 245 -5.60 -5.08 -5.23
C ILE A 245 -4.31 -4.86 -4.48
N PHE A 246 -3.37 -4.18 -5.12
CA PHE A 246 -2.06 -3.79 -4.59
C PHE A 246 -2.12 -2.31 -4.24
N VAL A 247 -1.69 -1.95 -3.03
CA VAL A 247 -1.44 -0.55 -2.62
C VAL A 247 -0.10 -0.53 -1.89
N GLY A 248 0.76 0.39 -2.29
CA GLY A 248 2.16 0.44 -1.87
C GLY A 248 2.63 1.85 -1.54
N ASN A 249 3.69 1.91 -0.74
CA ASN A 249 4.52 3.10 -0.50
C ASN A 249 5.96 2.63 -0.63
N ARG A 250 6.92 3.49 -0.35
CA ARG A 250 8.36 3.26 -0.60
C ARG A 250 8.86 2.07 0.23
N GLY A 251 8.11 1.58 1.21
CA GLY A 251 8.68 0.58 2.13
C GLY A 251 7.83 -0.66 2.27
N CYS A 252 6.61 -0.65 1.74
CA CYS A 252 5.56 -1.65 2.02
C CYS A 252 4.55 -1.68 0.87
N VAL A 253 4.24 -2.88 0.38
CA VAL A 253 3.11 -3.15 -0.54
C VAL A 253 2.21 -4.15 0.18
N GLN A 254 0.92 -3.87 0.18
CA GLN A 254 -0.12 -4.72 0.81
C GLN A 254 -1.03 -5.23 -0.29
N ILE A 255 -1.29 -6.53 -0.29
CA ILE A 255 -2.00 -7.26 -1.38
C ILE A 255 -3.29 -7.84 -0.83
N PHE A 256 -4.42 -7.34 -1.32
CA PHE A 256 -5.74 -7.98 -1.22
C PHE A 256 -5.92 -9.00 -2.35
N THR A 257 -6.40 -10.21 -2.02
CA THR A 257 -6.96 -11.21 -2.95
C THR A 257 -8.33 -11.59 -2.44
N GLY A 258 -9.37 -11.50 -3.26
CA GLY A 258 -10.71 -11.89 -2.77
C GLY A 258 -11.77 -11.28 -3.65
N MET A 259 -13.01 -11.42 -3.21
CA MET A 259 -14.18 -10.89 -3.94
C MET A 259 -14.55 -9.54 -3.34
N ILE A 260 -15.15 -8.66 -4.15
CA ILE A 260 -15.61 -7.30 -3.77
C ILE A 260 -17.06 -7.44 -3.30
N GLU A 261 -17.34 -7.15 -2.02
CA GLU A 261 -18.70 -7.37 -1.44
C GLU A 261 -19.56 -6.12 -1.67
N LYS A 262 -18.96 -4.94 -1.63
CA LYS A 262 -19.70 -3.67 -1.78
C LYS A 262 -18.75 -2.55 -2.23
N VAL A 263 -19.20 -1.73 -3.16
CA VAL A 263 -18.45 -0.54 -3.64
C VAL A 263 -19.35 0.67 -3.41
N THR A 264 -18.85 1.69 -2.72
CA THR A 264 -19.64 2.89 -2.39
C THR A 264 -18.78 4.12 -2.67
N PRO A 265 -19.28 5.06 -3.49
CA PRO A 265 -18.57 6.31 -3.70
C PRO A 265 -18.93 7.18 -2.50
N HIS A 266 -18.11 8.18 -2.21
CA HIS A 266 -18.39 9.23 -1.20
C HIS A 266 -17.60 10.47 -1.61
N GLN A 267 -18.28 11.52 -2.05
CA GLN A 267 -17.56 12.74 -2.46
C GLN A 267 -16.55 12.30 -3.53
N ASP A 268 -15.25 12.49 -3.27
CA ASP A 268 -14.13 12.24 -4.20
C ASP A 268 -13.54 10.85 -3.95
N TRP A 269 -13.98 10.15 -2.90
CA TRP A 269 -13.48 8.80 -2.57
C TRP A 269 -14.30 7.73 -3.31
N ILE A 270 -13.65 6.66 -3.73
CA ILE A 270 -14.28 5.36 -4.12
C ILE A 270 -13.88 4.33 -3.06
N ASN A 271 -14.86 3.59 -2.53
CA ASN A 271 -14.61 2.76 -1.31
C ASN A 271 -15.06 1.33 -1.58
N VAL A 272 -14.29 0.37 -1.09
CA VAL A 272 -14.71 -1.05 -1.01
C VAL A 272 -14.85 -1.38 0.47
N PHE A 273 -16.04 -1.83 0.87
CA PHE A 273 -16.33 -2.29 2.25
C PHE A 273 -16.59 -3.80 2.23
N ASN A 274 -15.59 -4.59 2.62
CA ASN A 274 -15.72 -6.05 2.87
C ASN A 274 -15.74 -6.30 4.37
N GLN A 275 -16.01 -7.52 4.79
CA GLN A 275 -15.92 -7.91 6.22
C GLN A 275 -14.45 -7.82 6.66
N ARG A 276 -13.48 -8.20 5.81
CA ARG A 276 -12.07 -8.35 6.25
C ARG A 276 -11.13 -7.39 5.52
N PHE A 277 -11.67 -6.51 4.68
CA PHE A 277 -10.86 -5.61 3.84
C PHE A 277 -11.61 -4.30 3.60
N THR A 278 -10.87 -3.18 3.65
CA THR A 278 -11.38 -1.86 3.22
C THR A 278 -10.37 -1.22 2.26
N LEU A 279 -10.88 -0.67 1.17
CA LEU A 279 -10.13 0.21 0.27
C LEU A 279 -10.81 1.58 0.31
N HIS A 280 -10.00 2.61 0.55
CA HIS A 280 -10.34 4.04 0.32
C HIS A 280 -9.36 4.56 -0.73
N LEU A 281 -9.88 5.00 -1.87
CA LEU A 281 -9.05 5.57 -2.96
C LEU A 281 -9.69 6.89 -3.40
N ILE A 282 -8.89 7.95 -3.55
CA ILE A 282 -9.37 9.27 -4.05
C ILE A 282 -9.48 9.20 -5.57
N GLU A 283 -10.65 8.80 -6.07
CA GLU A 283 -10.98 8.56 -7.49
C GLU A 283 -10.52 9.76 -8.31
N THR A 284 -10.76 11.00 -7.85
CA THR A 284 -10.49 12.24 -8.63
C THR A 284 -8.98 12.49 -8.79
N THR A 285 -8.10 11.81 -8.04
CA THR A 285 -6.62 11.97 -8.22
C THR A 285 -6.05 11.00 -9.29
N ILE A 286 -6.88 10.10 -9.86
CA ILE A 286 -6.44 9.18 -10.95
C ILE A 286 -6.23 10.01 -12.23
N ALA A 287 -4.98 10.27 -12.61
CA ALA A 287 -4.61 11.07 -13.81
C ALA A 287 -4.51 10.15 -15.03
N GLU A 288 -3.87 8.98 -14.88
CA GLU A 288 -3.67 7.96 -15.95
C GLU A 288 -4.07 6.57 -15.45
N SER A 289 -4.86 5.89 -16.27
CA SER A 289 -5.32 4.50 -16.05
C SER A 289 -4.79 3.68 -17.22
N TRP A 290 -3.88 2.76 -16.97
CA TRP A 290 -3.30 1.88 -18.02
C TRP A 290 -3.78 0.43 -17.84
N ILE A 291 -4.09 -0.22 -18.97
CA ILE A 291 -4.16 -1.70 -19.09
C ILE A 291 -2.80 -2.17 -19.58
N THR A 292 -2.18 -3.11 -18.89
CA THR A 292 -0.94 -3.76 -19.38
C THR A 292 -1.19 -5.27 -19.48
N ARG A 293 -0.56 -5.89 -20.49
CA ARG A 293 -0.55 -7.35 -20.70
C ARG A 293 0.92 -7.74 -20.68
N LYS A 294 1.36 -8.47 -19.68
CA LYS A 294 2.76 -8.92 -19.51
C LYS A 294 2.76 -10.44 -19.68
N PRO A 295 3.69 -11.00 -20.49
CA PRO A 295 3.73 -12.43 -20.72
C PRO A 295 4.39 -13.15 -19.56
N THR A 296 3.93 -14.38 -19.31
CA THR A 296 4.48 -15.33 -18.31
C THR A 296 4.44 -16.71 -18.96
N LYS A 297 5.02 -17.73 -18.30
CA LYS A 297 4.95 -19.16 -18.71
C LYS A 297 3.47 -19.58 -18.78
N ASP A 298 2.62 -19.01 -17.92
CA ASP A 298 1.19 -19.39 -17.78
C ASP A 298 0.31 -18.44 -18.61
N GLY A 299 0.88 -17.71 -19.57
CA GLY A 299 0.12 -16.86 -20.50
C GLY A 299 0.23 -15.41 -20.10
N PHE A 300 -0.58 -14.54 -20.70
CA PHE A 300 -0.61 -13.08 -20.44
C PHE A 300 -1.30 -12.80 -19.09
N VAL A 301 -0.72 -11.91 -18.29
CA VAL A 301 -1.36 -11.38 -17.06
C VAL A 301 -1.73 -9.92 -17.33
N THR A 302 -3.03 -9.62 -17.30
CA THR A 302 -3.60 -8.27 -17.55
C THR A 302 -3.81 -7.54 -16.21
N SER A 303 -3.37 -6.28 -16.13
CA SER A 303 -3.55 -5.44 -14.92
CA SER A 303 -3.55 -5.44 -14.92
C SER A 303 -4.11 -4.07 -15.31
N LEU A 304 -4.79 -3.42 -14.37
CA LEU A 304 -5.13 -1.98 -14.42
C LEU A 304 -4.20 -1.27 -13.44
N GLU A 305 -3.41 -0.32 -13.93
CA GLU A 305 -2.41 0.46 -13.13
C GLU A 305 -2.83 1.94 -13.10
N LEU A 306 -2.93 2.53 -11.92
CA LEU A 306 -3.49 3.90 -11.73
C LEU A 306 -2.34 4.80 -11.33
N PHE A 307 -2.28 6.00 -11.91
CA PHE A 307 -1.21 6.99 -11.66
C PHE A 307 -1.82 8.34 -11.34
N ALA A 308 -1.20 9.03 -10.38
CA ALA A 308 -1.51 10.43 -10.05
C ALA A 308 -0.74 11.33 -11.02
N ALA A 309 -1.12 12.61 -11.09
CA ALA A 309 -0.58 13.64 -11.99
C ALA A 309 0.96 13.73 -11.88
N ASP A 310 1.54 13.47 -10.71
CA ASP A 310 3.01 13.50 -10.47
C ASP A 310 3.66 12.15 -10.78
N GLY A 311 2.86 11.17 -11.20
CA GLY A 311 3.34 9.83 -11.59
C GLY A 311 3.41 8.86 -10.42
N THR A 312 2.88 9.23 -9.25
CA THR A 312 2.79 8.33 -8.08
C THR A 312 1.90 7.13 -8.43
N GLN A 313 2.33 5.92 -8.03
CA GLN A 313 1.54 4.67 -8.23
C GLN A 313 0.45 4.65 -7.16
N ILE A 314 -0.79 4.91 -7.55
CA ILE A 314 -1.96 4.83 -6.65
C ILE A 314 -2.17 3.37 -6.24
N ALA A 315 -2.47 2.50 -7.19
CA ALA A 315 -2.84 1.09 -6.94
C ALA A 315 -2.80 0.33 -8.27
N GLN A 316 -2.68 -1.01 -8.21
CA GLN A 316 -2.71 -1.93 -9.37
C GLN A 316 -3.75 -3.00 -9.07
N LEU A 317 -4.55 -3.40 -10.08
CA LEU A 317 -5.53 -4.51 -9.99
C LEU A 317 -5.15 -5.62 -10.97
N TYR A 318 -5.23 -6.86 -10.49
CA TYR A 318 -5.03 -8.07 -11.30
C TYR A 318 -6.22 -8.97 -11.04
N GLY A 319 -6.38 -9.98 -11.88
CA GLY A 319 -7.23 -11.16 -11.60
C GLY A 319 -6.50 -12.07 -10.65
N GLN A 320 -7.22 -12.90 -9.89
CA GLN A 320 -6.60 -13.92 -9.02
C GLN A 320 -5.87 -14.95 -9.90
N ARG A 321 -4.70 -15.40 -9.46
CA ARG A 321 -3.85 -16.34 -10.22
C ARG A 321 -2.79 -16.95 -9.30
N THR A 322 -2.68 -18.27 -9.23
CA THR A 322 -1.55 -18.96 -8.53
C THR A 322 -0.52 -19.38 -9.59
N GLU A 323 0.72 -19.65 -9.20
CA GLU A 323 1.80 -20.11 -10.12
C GLU A 323 1.32 -21.41 -10.78
N GLY A 324 1.49 -21.48 -12.11
CA GLY A 324 1.16 -22.67 -12.93
C GLY A 324 -0.25 -22.61 -13.47
N GLN A 325 -0.94 -21.48 -13.24
CA GLN A 325 -2.36 -21.33 -13.61
C GLN A 325 -2.48 -20.05 -14.41
N PRO A 326 -3.28 -20.00 -15.50
CA PRO A 326 -3.53 -18.72 -16.19
C PRO A 326 -4.36 -17.76 -15.34
N GLU A 327 -4.47 -16.50 -15.76
CA GLU A 327 -5.52 -15.59 -15.24
C GLU A 327 -6.85 -16.09 -15.77
N GLN A 328 -7.97 -15.82 -15.09
CA GLN A 328 -9.33 -16.24 -15.50
C GLN A 328 -9.73 -15.45 -16.75
N THR A 329 -10.50 -16.05 -17.64
CA THR A 329 -11.04 -15.36 -18.83
C THR A 329 -12.00 -14.25 -18.37
N GLN A 330 -12.75 -14.53 -17.31
CA GLN A 330 -13.73 -13.58 -16.73
C GLN A 330 -13.08 -12.23 -16.49
N TRP A 331 -11.89 -12.22 -15.89
CA TRP A 331 -11.07 -11.02 -15.66
C TRP A 331 -10.84 -10.31 -17.00
N ARG A 332 -10.32 -11.01 -17.99
CA ARG A 332 -10.00 -10.42 -19.32
C ARG A 332 -11.25 -9.81 -19.98
N GLU A 333 -12.40 -10.47 -19.82
CA GLU A 333 -13.68 -10.01 -20.41
C GLU A 333 -14.18 -8.78 -19.66
N GLN A 334 -13.88 -8.66 -18.36
CA GLN A 334 -14.21 -7.45 -17.56
C GLN A 334 -13.33 -6.31 -18.05
N ILE A 335 -12.03 -6.56 -18.18
CA ILE A 335 -11.05 -5.56 -18.69
C ILE A 335 -11.50 -5.13 -20.10
N ALA A 336 -11.97 -6.05 -20.93
CA ALA A 336 -12.39 -5.77 -22.32
C ALA A 336 -13.58 -4.82 -22.37
N ARG A 337 -14.37 -4.68 -21.30
CA ARG A 337 -15.57 -3.80 -21.27
C ARG A 337 -15.19 -2.36 -20.91
N LEU A 338 -13.95 -2.12 -20.49
CA LEU A 338 -13.41 -0.77 -20.17
C LEU A 338 -13.20 0.04 -21.45
N ASN A 339 -13.60 1.30 -21.44
CA ASN A 339 -13.52 2.19 -22.62
C ASN A 339 -12.08 2.68 -22.80
N ASN A 340 -11.51 2.40 -23.97
N ASN A 340 -11.51 2.40 -23.97
CA ASN A 340 -10.17 2.86 -24.41
CA ASN A 340 -10.17 2.86 -24.40
C ASN A 340 -10.22 4.40 -24.52
C ASN A 340 -10.23 4.39 -24.51
N LYS A 341 -9.24 5.09 -23.93
CA LYS A 341 -9.10 6.59 -23.91
C LYS A 341 -10.47 7.29 -23.84
#